data_1WWM
#
_entry.id   1WWM
#
_cell.length_a   41.210
_cell.length_b   101.121
_cell.length_c   102.913
_cell.angle_alpha   90.00
_cell.angle_beta   90.00
_cell.angle_gamma   90.00
#
_symmetry.space_group_name_H-M   'P 21 21 21'
#
loop_
_entity.id
_entity.type
_entity.pdbx_description
1 polymer 'hypothetical protein TT2028'
2 water water
#
_entity_poly.entity_id   1
_entity_poly.type   'polypeptide(L)'
_entity_poly.pdbx_seq_one_letter_code
;(MSE)G(MSE)LGLDLLKEVPGLLEEIKALPLRLDEERFRFWLQQDYPFVEALYRYQVGLLLEAPQAHRAPLVQAL
(MSE)ATVEELDWLLLQGASPSAPVHPVRAGYIALLEE(MSE)GRLPYAYRVVFFYFLNGLFLEAWAHHVPEEGPWAELS
QHWFAPEFQAVLYDLEVLARGLWEDLDPEVVRTYLRRILEAEKATWSLLL
;
_entity_poly.pdbx_strand_id   A,B
#
# COMPACT_ATOMS: atom_id res chain seq x y z
N GLU A 11 -5.60 -9.59 24.84
CA GLU A 11 -6.89 -10.13 25.40
C GLU A 11 -7.07 -9.97 26.92
N VAL A 12 -7.97 -9.00 27.12
CA VAL A 12 -8.37 -8.42 28.34
C VAL A 12 -9.67 -7.84 27.78
N PRO A 13 -10.84 -8.44 28.13
CA PRO A 13 -11.33 -9.62 28.86
C PRO A 13 -12.86 -9.44 29.07
N GLY A 14 -13.67 -10.19 28.33
CA GLY A 14 -15.10 -10.06 28.48
C GLY A 14 -15.80 -9.41 27.30
N LEU A 15 -15.19 -8.36 26.75
CA LEU A 15 -15.77 -7.65 25.61
C LEU A 15 -15.94 -8.57 24.41
N LEU A 16 -14.91 -9.37 24.13
CA LEU A 16 -14.96 -10.30 23.02
C LEU A 16 -16.15 -11.24 23.16
N GLU A 17 -16.29 -11.83 24.35
CA GLU A 17 -17.38 -12.75 24.62
C GLU A 17 -18.72 -12.03 24.45
N GLU A 18 -18.73 -10.72 24.69
CA GLU A 18 -19.94 -9.93 24.54
C GLU A 18 -20.41 -10.00 23.09
N ILE A 19 -19.61 -9.48 22.18
CA ILE A 19 -19.93 -9.47 20.76
C ILE A 19 -20.48 -10.83 20.33
N LYS A 20 -19.84 -11.89 20.79
CA LYS A 20 -20.27 -13.24 20.45
C LYS A 20 -21.68 -13.57 20.97
N ALA A 21 -21.96 -13.16 22.21
CA ALA A 21 -23.25 -13.42 22.85
C ALA A 21 -24.44 -12.70 22.19
N LEU A 22 -24.14 -11.70 21.35
CA LEU A 22 -25.18 -10.94 20.67
C LEU A 22 -26.29 -11.80 20.08
N PRO A 23 -27.56 -11.42 20.32
CA PRO A 23 -28.76 -12.12 19.83
C PRO A 23 -29.02 -11.71 18.40
N LEU A 24 -28.08 -12.00 17.51
CA LEU A 24 -28.23 -11.63 16.11
C LEU A 24 -29.11 -12.55 15.27
N ARG A 25 -29.72 -11.96 14.25
CA ARG A 25 -30.58 -12.69 13.33
C ARG A 25 -30.01 -12.51 11.91
N LEU A 26 -29.24 -13.49 11.47
CA LEU A 26 -28.62 -13.44 10.16
C LEU A 26 -29.57 -13.71 9.01
N ASP A 27 -29.70 -12.73 8.13
CA ASP A 27 -30.57 -12.79 6.97
C ASP A 27 -29.74 -12.39 5.75
N GLU A 28 -29.83 -13.18 4.69
CA GLU A 28 -29.09 -12.89 3.45
C GLU A 28 -29.11 -11.42 3.02
N GLU A 29 -30.27 -10.93 2.61
CA GLU A 29 -30.41 -9.55 2.17
C GLU A 29 -29.99 -8.56 3.25
N ARG A 30 -30.45 -8.79 4.47
CA ARG A 30 -30.15 -7.92 5.59
C ARG A 30 -28.65 -7.87 5.88
N PHE A 31 -27.98 -9.00 5.67
CA PHE A 31 -26.53 -9.10 5.90
C PHE A 31 -25.80 -8.44 4.74
N ARG A 32 -26.26 -8.70 3.52
CA ARG A 32 -25.65 -8.10 2.34
C ARG A 32 -25.60 -6.57 2.49
N PHE A 33 -26.72 -5.98 2.92
CA PHE A 33 -26.80 -4.54 3.11
C PHE A 33 -25.75 -4.11 4.13
N TRP A 34 -25.66 -4.88 5.21
CA TRP A 34 -24.69 -4.64 6.28
C TRP A 34 -23.24 -4.64 5.76
N LEU A 35 -22.97 -5.50 4.78
CA LEU A 35 -21.65 -5.57 4.19
C LEU A 35 -21.38 -4.37 3.30
N GLN A 36 -22.41 -3.94 2.58
CA GLN A 36 -22.26 -2.82 1.67
C GLN A 36 -22.05 -1.53 2.43
N GLN A 37 -22.63 -1.45 3.62
CA GLN A 37 -22.50 -0.27 4.45
C GLN A 37 -21.16 -0.21 5.18
N ASP A 38 -20.25 -1.11 4.82
CA ASP A 38 -18.93 -1.15 5.45
C ASP A 38 -17.87 -0.52 4.55
N TYR A 39 -18.29 -0.07 3.36
CA TYR A 39 -17.37 0.54 2.41
C TYR A 39 -16.56 1.70 3.00
N PRO A 40 -17.23 2.67 3.63
CA PRO A 40 -16.55 3.82 4.24
C PRO A 40 -15.44 3.38 5.22
N PHE A 41 -15.73 2.32 5.98
CA PHE A 41 -14.77 1.78 6.95
C PHE A 41 -13.60 1.05 6.27
N VAL A 42 -13.89 0.31 5.21
CA VAL A 42 -12.85 -0.42 4.49
C VAL A 42 -11.93 0.57 3.77
N GLU A 43 -12.48 1.69 3.34
CA GLU A 43 -11.69 2.72 2.68
C GLU A 43 -10.77 3.34 3.74
N ALA A 44 -11.31 3.52 4.95
CA ALA A 44 -10.54 4.09 6.05
C ALA A 44 -9.40 3.15 6.44
N LEU A 45 -9.71 1.87 6.42
CA LEU A 45 -8.70 0.87 6.73
C LEU A 45 -7.58 0.97 5.70
N TYR A 46 -7.94 1.16 4.43
CA TYR A 46 -6.97 1.28 3.36
C TYR A 46 -6.06 2.47 3.59
N ARG A 47 -6.66 3.59 3.97
CA ARG A 47 -5.89 4.79 4.28
C ARG A 47 -4.88 4.43 5.38
N TYR A 48 -5.41 3.95 6.51
CA TYR A 48 -4.59 3.53 7.66
C TYR A 48 -3.44 2.60 7.27
N GLN A 49 -3.73 1.63 6.39
CA GLN A 49 -2.74 0.70 5.91
C GLN A 49 -1.66 1.41 5.12
N VAL A 50 -2.06 2.40 4.35
CA VAL A 50 -1.06 3.11 3.56
C VAL A 50 -0.13 3.87 4.49
N GLY A 51 -0.66 4.32 5.62
CA GLY A 51 0.15 5.06 6.57
C GLY A 51 1.19 4.15 7.22
N LEU A 52 0.88 2.87 7.27
CA LEU A 52 1.83 1.92 7.83
C LEU A 52 3.00 1.79 6.86
N LEU A 53 2.66 1.64 5.58
CA LEU A 53 3.68 1.51 4.54
C LEU A 53 4.58 2.75 4.47
N LEU A 54 4.09 3.87 4.97
CA LEU A 54 4.86 5.11 4.95
C LEU A 54 5.98 5.11 6.02
N GLU A 55 5.76 4.37 7.11
CA GLU A 55 6.71 4.26 8.20
C GLU A 55 7.35 2.87 8.24
N ALA A 56 6.67 1.90 7.65
CA ALA A 56 7.13 0.52 7.64
C ALA A 56 8.58 0.30 7.19
N PRO A 57 9.38 -0.37 8.03
CA PRO A 57 10.78 -0.65 7.70
C PRO A 57 10.74 -1.66 6.55
N GLN A 58 11.87 -1.87 5.88
CA GLN A 58 11.90 -2.80 4.77
C GLN A 58 11.45 -4.20 5.22
N ALA A 59 12.06 -4.70 6.29
CA ALA A 59 11.74 -6.01 6.80
C ALA A 59 10.26 -6.25 7.10
N HIS A 60 9.47 -5.18 7.24
CA HIS A 60 8.05 -5.31 7.54
C HIS A 60 7.16 -5.20 6.32
N ARG A 61 7.63 -4.50 5.30
CA ARG A 61 6.87 -4.25 4.08
C ARG A 61 6.15 -5.41 3.38
N ALA A 62 6.84 -6.50 3.09
CA ALA A 62 6.20 -7.63 2.40
C ALA A 62 4.77 -7.99 2.87
N PRO A 63 4.58 -8.22 4.19
CA PRO A 63 3.25 -8.55 4.69
C PRO A 63 2.25 -7.42 4.53
N LEU A 64 2.67 -6.20 4.83
CA LEU A 64 1.81 -5.04 4.72
C LEU A 64 1.31 -4.75 3.31
N VAL A 65 2.15 -5.00 2.31
CA VAL A 65 1.76 -4.76 0.93
C VAL A 65 0.75 -5.83 0.51
N GLN A 66 0.88 -7.04 1.08
CA GLN A 66 -0.03 -8.13 0.79
C GLN A 66 -1.39 -7.84 1.40
N ALA A 67 -1.37 -7.28 2.61
CA ALA A 67 -2.63 -6.95 3.28
C ALA A 67 -3.33 -5.83 2.49
N LEU A 68 -2.59 -4.81 2.07
CA LEU A 68 -3.17 -3.72 1.28
C LEU A 68 -3.90 -4.31 0.03
N MSE A 69 -3.19 -5.18 -0.69
CA MSE A 69 -3.72 -5.87 -1.85
C MSE A 69 -5.10 -6.49 -1.55
O MSE A 69 -6.02 -6.44 -2.38
CB MSE A 69 -2.75 -6.98 -2.24
CG MSE A 69 -1.93 -6.63 -3.47
SE MSE A 69 -3.09 -6.84 -5.03
CE MSE A 69 -2.80 -8.82 -5.30
N ALA A 70 -5.23 -7.11 -0.38
CA ALA A 70 -6.49 -7.70 -0.01
C ALA A 70 -7.55 -6.62 0.25
N THR A 71 -7.18 -5.54 0.94
CA THR A 71 -8.14 -4.48 1.23
C THR A 71 -8.68 -3.88 -0.07
N VAL A 72 -7.78 -3.65 -1.04
CA VAL A 72 -8.13 -3.10 -2.34
C VAL A 72 -9.13 -4.00 -3.05
N GLU A 73 -8.81 -5.28 -3.17
CA GLU A 73 -9.72 -6.22 -3.82
C GLU A 73 -11.07 -6.25 -3.12
N GLU A 74 -11.06 -6.05 -1.81
CA GLU A 74 -12.27 -6.07 -1.02
C GLU A 74 -13.16 -4.88 -1.41
N LEU A 75 -12.54 -3.74 -1.67
CA LEU A 75 -13.28 -2.55 -2.06
C LEU A 75 -13.90 -2.75 -3.44
N ASP A 76 -13.23 -3.52 -4.27
CA ASP A 76 -13.74 -3.82 -5.60
C ASP A 76 -14.97 -4.72 -5.49
N TRP A 77 -14.88 -5.70 -4.59
CA TRP A 77 -15.97 -6.63 -4.38
C TRP A 77 -17.23 -5.90 -3.90
N LEU A 78 -17.05 -4.93 -3.01
CA LEU A 78 -18.17 -4.16 -2.48
C LEU A 78 -18.79 -3.28 -3.56
N LEU A 79 -17.95 -2.73 -4.44
CA LEU A 79 -18.45 -1.90 -5.53
C LEU A 79 -19.33 -2.74 -6.45
N LEU A 80 -18.80 -3.89 -6.87
CA LEU A 80 -19.54 -4.78 -7.77
C LEU A 80 -20.74 -5.34 -7.04
N GLN A 81 -20.78 -5.13 -5.73
CA GLN A 81 -21.88 -5.63 -4.92
C GLN A 81 -22.81 -4.50 -4.51
N GLY A 82 -22.85 -3.41 -5.29
CA GLY A 82 -23.76 -2.33 -4.97
C GLY A 82 -23.36 -1.15 -4.10
N ALA A 83 -22.22 -1.24 -3.42
CA ALA A 83 -21.77 -0.16 -2.55
C ALA A 83 -21.59 1.18 -3.27
N SER A 84 -21.58 2.27 -2.51
CA SER A 84 -21.38 3.60 -3.10
C SER A 84 -20.49 4.44 -2.18
N PRO A 85 -19.28 4.76 -2.65
CA PRO A 85 -18.35 5.56 -1.83
C PRO A 85 -18.98 6.83 -1.23
N SER A 86 -19.72 7.55 -2.05
CA SER A 86 -20.37 8.77 -1.58
C SER A 86 -21.77 8.43 -1.12
N ALA A 87 -21.94 8.35 0.19
CA ALA A 87 -23.22 8.03 0.79
C ALA A 87 -23.14 8.26 2.29
N PRO A 88 -24.22 8.73 2.91
CA PRO A 88 -24.20 8.97 4.35
C PRO A 88 -23.71 7.74 5.14
N VAL A 89 -22.84 8.00 6.13
CA VAL A 89 -22.27 6.96 6.96
C VAL A 89 -22.97 6.90 8.32
N HIS A 90 -23.45 5.73 8.69
CA HIS A 90 -24.13 5.58 9.96
C HIS A 90 -23.21 6.09 11.05
N PRO A 91 -23.74 6.92 11.98
CA PRO A 91 -22.93 7.46 13.09
C PRO A 91 -22.09 6.41 13.83
N VAL A 92 -22.61 5.19 13.90
CA VAL A 92 -21.87 4.12 14.57
C VAL A 92 -20.59 3.81 13.79
N ARG A 93 -20.72 3.68 12.47
CA ARG A 93 -19.56 3.38 11.65
C ARG A 93 -18.65 4.58 11.53
N ALA A 94 -19.21 5.77 11.65
CA ALA A 94 -18.41 7.00 11.56
C ALA A 94 -17.48 7.13 12.76
N GLY A 95 -17.99 6.74 13.92
CA GLY A 95 -17.18 6.82 15.12
C GLY A 95 -16.06 5.79 15.09
N TYR A 96 -16.31 4.69 14.39
CA TYR A 96 -15.33 3.62 14.26
C TYR A 96 -14.26 4.09 13.29
N ILE A 97 -14.67 4.80 12.24
CA ILE A 97 -13.74 5.33 11.24
C ILE A 97 -12.81 6.34 11.90
N ALA A 98 -13.37 7.17 12.78
CA ALA A 98 -12.56 8.17 13.48
C ALA A 98 -11.57 7.47 14.39
N LEU A 99 -11.96 6.30 14.92
CA LEU A 99 -11.09 5.51 15.78
C LEU A 99 -9.82 5.16 15.03
N LEU A 100 -9.97 4.63 13.82
CA LEU A 100 -8.82 4.26 12.99
C LEU A 100 -7.91 5.46 12.78
N GLU A 101 -8.48 6.56 12.31
CA GLU A 101 -7.71 7.76 12.07
C GLU A 101 -6.97 8.18 13.34
N GLU A 102 -7.66 8.01 14.48
CA GLU A 102 -7.10 8.33 15.78
C GLU A 102 -5.90 7.45 16.05
N MSE A 103 -6.01 6.17 15.75
CA MSE A 103 -4.88 5.27 15.95
C MSE A 103 -3.81 5.57 14.92
O MSE A 103 -2.65 5.23 15.11
CB MSE A 103 -5.33 3.82 15.84
CG MSE A 103 -6.51 3.49 16.74
SE MSE A 103 -7.09 1.66 16.81
CE MSE A 103 -6.97 1.27 18.67
N GLY A 104 -4.21 6.22 13.84
CA GLY A 104 -3.25 6.58 12.81
C GLY A 104 -2.24 7.57 13.39
N ARG A 105 -2.66 8.27 14.46
CA ARG A 105 -1.82 9.26 15.13
C ARG A 105 -0.72 8.61 15.98
N LEU A 106 -1.07 7.49 16.62
CA LEU A 106 -0.13 6.75 17.48
C LEU A 106 1.15 6.35 16.77
N PRO A 107 2.18 5.97 17.53
CA PRO A 107 3.47 5.55 16.97
C PRO A 107 3.33 4.29 16.13
N TYR A 108 4.20 4.14 15.14
CA TYR A 108 4.18 2.98 14.25
C TYR A 108 3.90 1.66 14.96
N ALA A 109 4.78 1.29 15.89
CA ALA A 109 4.65 0.03 16.64
C ALA A 109 3.24 -0.23 17.17
N TYR A 110 2.60 0.81 17.69
CA TYR A 110 1.25 0.67 18.22
C TYR A 110 0.28 0.32 17.09
N ARG A 111 0.36 1.10 16.03
CA ARG A 111 -0.51 0.91 14.88
C ARG A 111 -0.47 -0.48 14.28
N VAL A 112 0.71 -1.05 14.16
CA VAL A 112 0.84 -2.38 13.58
C VAL A 112 0.26 -3.46 14.46
N VAL A 113 0.38 -3.28 15.77
CA VAL A 113 -0.16 -4.25 16.70
C VAL A 113 -1.69 -4.16 16.62
N PHE A 114 -2.19 -2.93 16.52
CA PHE A 114 -3.62 -2.68 16.43
C PHE A 114 -4.22 -3.20 15.12
N PHE A 115 -3.46 -3.08 14.04
CA PHE A 115 -3.92 -3.53 12.73
C PHE A 115 -4.04 -5.05 12.78
N TYR A 116 -3.11 -5.69 13.47
CA TYR A 116 -3.12 -7.13 13.61
C TYR A 116 -4.35 -7.52 14.41
N PHE A 117 -4.57 -6.80 15.50
CA PHE A 117 -5.69 -7.05 16.40
C PHE A 117 -6.99 -6.95 15.63
N LEU A 118 -7.16 -5.82 14.93
CA LEU A 118 -8.35 -5.58 14.13
C LEU A 118 -8.70 -6.76 13.23
N ASN A 119 -7.74 -7.26 12.48
CA ASN A 119 -7.99 -8.38 11.59
C ASN A 119 -8.38 -9.63 12.37
N GLY A 120 -7.60 -9.94 13.39
CA GLY A 120 -7.89 -11.12 14.19
C GLY A 120 -9.31 -11.07 14.70
N LEU A 121 -9.73 -9.87 15.11
CA LEU A 121 -11.06 -9.64 15.63
C LEU A 121 -12.11 -9.80 14.53
N PHE A 122 -11.83 -9.29 13.33
CA PHE A 122 -12.78 -9.44 12.24
C PHE A 122 -13.07 -10.92 11.98
N LEU A 123 -12.01 -11.71 11.87
CA LEU A 123 -12.15 -13.14 11.60
C LEU A 123 -12.92 -13.83 12.70
N GLU A 124 -12.60 -13.48 13.96
CA GLU A 124 -13.25 -14.06 15.12
C GLU A 124 -14.75 -13.83 15.16
N ALA A 125 -15.16 -12.57 14.98
CA ALA A 125 -16.57 -12.20 14.99
C ALA A 125 -17.34 -12.83 13.84
N TRP A 126 -16.71 -12.90 12.68
CA TRP A 126 -17.33 -13.47 11.49
C TRP A 126 -17.55 -14.98 11.62
N ALA A 127 -16.53 -15.69 12.06
CA ALA A 127 -16.61 -17.13 12.20
C ALA A 127 -17.71 -17.55 13.18
N HIS A 128 -17.93 -16.75 14.21
CA HIS A 128 -18.95 -17.04 15.20
C HIS A 128 -20.38 -16.80 14.69
N HIS A 129 -20.66 -15.58 14.27
CA HIS A 129 -22.01 -15.22 13.80
C HIS A 129 -22.43 -15.67 12.39
N VAL A 130 -21.49 -15.72 11.46
CA VAL A 130 -21.81 -16.13 10.09
C VAL A 130 -21.80 -17.64 9.89
N PRO A 131 -22.96 -18.23 9.56
CA PRO A 131 -23.05 -19.67 9.34
C PRO A 131 -22.17 -20.16 8.21
N GLU A 132 -21.71 -21.41 8.32
CA GLU A 132 -20.83 -22.01 7.32
C GLU A 132 -21.58 -22.75 6.22
N GLU A 133 -22.73 -23.32 6.59
CA GLU A 133 -23.56 -24.11 5.68
C GLU A 133 -23.76 -23.70 4.23
N GLY A 134 -24.87 -23.02 3.95
CA GLY A 134 -25.22 -22.63 2.59
C GLY A 134 -24.54 -21.50 1.85
N PRO A 135 -25.33 -20.51 1.35
CA PRO A 135 -24.84 -19.34 0.61
C PRO A 135 -23.88 -18.47 1.41
N TRP A 136 -23.87 -18.69 2.71
CA TRP A 136 -23.00 -17.93 3.60
C TRP A 136 -21.56 -18.32 3.37
N ALA A 137 -21.35 -19.59 3.07
CA ALA A 137 -20.01 -20.11 2.81
C ALA A 137 -19.48 -19.36 1.60
N GLU A 138 -20.29 -19.27 0.55
CA GLU A 138 -19.91 -18.57 -0.67
C GLU A 138 -19.54 -17.12 -0.36
N LEU A 139 -20.41 -16.46 0.40
CA LEU A 139 -20.19 -15.07 0.77
C LEU A 139 -18.86 -14.96 1.53
N SER A 140 -18.76 -15.63 2.66
CA SER A 140 -17.54 -15.59 3.46
C SER A 140 -16.31 -15.87 2.61
N GLN A 141 -16.44 -16.78 1.65
CA GLN A 141 -15.30 -17.13 0.79
C GLN A 141 -15.14 -16.12 -0.34
N HIS A 142 -15.57 -14.88 -0.09
CA HIS A 142 -15.48 -13.79 -1.04
C HIS A 142 -15.06 -12.53 -0.30
N TRP A 143 -15.56 -12.39 0.93
CA TRP A 143 -15.22 -11.24 1.74
C TRP A 143 -13.79 -11.35 2.27
N PHE A 144 -13.32 -12.59 2.49
CA PHE A 144 -11.95 -12.81 2.98
C PHE A 144 -11.11 -13.35 1.85
N ALA A 145 -9.94 -12.74 1.63
CA ALA A 145 -9.05 -13.18 0.58
C ALA A 145 -8.49 -14.55 0.95
N PRO A 146 -8.19 -15.40 -0.04
CA PRO A 146 -7.65 -16.73 0.27
C PRO A 146 -6.47 -16.68 1.22
N GLU A 147 -5.58 -15.70 1.02
CA GLU A 147 -4.39 -15.56 1.86
C GLU A 147 -4.57 -14.68 3.09
N PHE A 148 -5.81 -14.43 3.47
CA PHE A 148 -6.11 -13.60 4.64
C PHE A 148 -5.40 -14.11 5.87
N GLN A 149 -5.68 -15.35 6.23
CA GLN A 149 -5.07 -15.97 7.41
C GLN A 149 -3.58 -16.22 7.24
N ALA A 150 -3.11 -16.31 6.00
CA ALA A 150 -1.68 -16.51 5.74
C ALA A 150 -1.01 -15.20 6.07
N VAL A 151 -1.58 -14.10 5.59
CA VAL A 151 -1.04 -12.78 5.85
C VAL A 151 -1.16 -12.47 7.33
N LEU A 152 -2.32 -12.79 7.91
CA LEU A 152 -2.54 -12.56 9.33
C LEU A 152 -1.42 -13.15 10.17
N TYR A 153 -1.01 -14.37 9.84
CA TYR A 153 0.07 -15.03 10.57
C TYR A 153 1.35 -14.21 10.52
N ASP A 154 1.66 -13.67 9.34
CA ASP A 154 2.84 -12.83 9.17
C ASP A 154 2.69 -11.54 9.96
N LEU A 155 1.45 -11.09 10.13
CA LEU A 155 1.19 -9.88 10.91
C LEU A 155 1.36 -10.15 12.40
N GLU A 156 0.89 -11.32 12.83
CA GLU A 156 0.99 -11.73 14.24
C GLU A 156 2.46 -11.77 14.61
N VAL A 157 3.26 -12.36 13.75
CA VAL A 157 4.71 -12.46 13.98
C VAL A 157 5.33 -11.08 14.14
N LEU A 158 4.81 -10.10 13.40
CA LEU A 158 5.31 -8.73 13.47
C LEU A 158 4.86 -8.07 14.75
N ALA A 159 3.56 -8.10 15.00
CA ALA A 159 2.99 -7.47 16.19
C ALA A 159 3.55 -8.10 17.46
N ARG A 160 3.85 -9.40 17.39
CA ARG A 160 4.37 -10.14 18.54
C ARG A 160 5.72 -9.58 18.98
N GLY A 161 6.49 -9.11 18.01
CA GLY A 161 7.80 -8.54 18.31
C GLY A 161 7.63 -7.08 18.72
N LEU A 162 6.85 -6.34 17.95
CA LEU A 162 6.60 -4.93 18.24
C LEU A 162 5.93 -4.75 19.60
N TRP A 163 5.15 -5.75 20.02
CA TRP A 163 4.45 -5.74 21.30
C TRP A 163 5.44 -5.39 22.41
N GLU A 164 6.50 -6.20 22.49
CA GLU A 164 7.56 -6.06 23.47
C GLU A 164 7.45 -4.88 24.43
N ASP A 165 7.96 -3.73 23.99
CA ASP A 165 7.98 -2.55 24.83
C ASP A 165 7.10 -1.36 24.44
N LEU A 166 5.83 -1.45 24.83
CA LEU A 166 4.86 -0.38 24.58
C LEU A 166 3.86 -0.46 25.73
N ASP A 167 3.58 0.69 26.32
CA ASP A 167 2.65 0.79 27.46
C ASP A 167 1.41 -0.10 27.30
N PRO A 168 1.35 -1.19 28.09
CA PRO A 168 0.25 -2.15 28.08
C PRO A 168 -1.08 -1.55 28.50
N GLU A 169 -1.03 -0.41 29.18
CA GLU A 169 -2.26 0.22 29.61
C GLU A 169 -2.84 1.00 28.44
N VAL A 170 -1.96 1.51 27.58
CA VAL A 170 -2.40 2.24 26.38
C VAL A 170 -3.00 1.25 25.38
N VAL A 171 -2.43 0.05 25.34
CA VAL A 171 -2.92 -0.97 24.43
C VAL A 171 -4.33 -1.36 24.87
N ARG A 172 -4.57 -1.36 26.18
CA ARG A 172 -5.88 -1.72 26.70
C ARG A 172 -6.98 -0.74 26.33
N THR A 173 -6.76 0.53 26.64
CA THR A 173 -7.78 1.54 26.35
C THR A 173 -8.23 1.46 24.89
N TYR A 174 -7.28 1.24 23.99
CA TYR A 174 -7.58 1.17 22.57
C TYR A 174 -8.17 -0.17 22.14
N LEU A 175 -7.67 -1.25 22.75
CA LEU A 175 -8.19 -2.57 22.41
C LEU A 175 -9.63 -2.61 22.86
N ARG A 176 -9.90 -2.07 24.03
CA ARG A 176 -11.26 -2.05 24.58
C ARG A 176 -12.20 -1.24 23.68
N ARG A 177 -11.72 -0.11 23.18
CA ARG A 177 -12.54 0.72 22.31
C ARG A 177 -12.78 0.06 20.95
N ILE A 178 -11.80 -0.70 20.48
CA ILE A 178 -11.95 -1.39 19.20
C ILE A 178 -13.03 -2.45 19.35
N LEU A 179 -13.03 -3.18 20.48
CA LEU A 179 -14.03 -4.20 20.73
C LEU A 179 -15.40 -3.54 20.83
N GLU A 180 -15.44 -2.38 21.44
CA GLU A 180 -16.70 -1.66 21.59
C GLU A 180 -17.25 -1.23 20.22
N ALA A 181 -16.39 -0.66 19.38
CA ALA A 181 -16.77 -0.22 18.03
C ALA A 181 -17.28 -1.41 17.23
N GLU A 182 -16.69 -2.59 17.47
CA GLU A 182 -17.10 -3.84 16.81
C GLU A 182 -18.48 -4.27 17.29
N LYS A 183 -18.68 -4.19 18.60
CA LYS A 183 -19.95 -4.56 19.21
C LYS A 183 -21.07 -3.70 18.63
N ALA A 184 -20.77 -2.44 18.39
CA ALA A 184 -21.73 -1.50 17.84
C ALA A 184 -22.10 -1.79 16.39
N THR A 185 -21.10 -2.11 15.57
CA THR A 185 -21.34 -2.40 14.17
C THR A 185 -22.07 -3.73 13.98
N TRP A 186 -21.85 -4.67 14.89
CA TRP A 186 -22.53 -5.94 14.77
C TRP A 186 -23.96 -5.86 15.28
N SER A 187 -24.17 -5.02 16.29
CA SER A 187 -25.51 -4.87 16.86
C SER A 187 -26.48 -4.30 15.81
N LEU A 188 -25.95 -3.64 14.79
CA LEU A 188 -26.77 -3.09 13.73
C LEU A 188 -27.45 -4.25 13.00
N LEU A 189 -27.14 -5.47 13.40
CA LEU A 189 -27.74 -6.64 12.79
C LEU A 189 -28.86 -7.18 13.67
N LEU A 190 -29.23 -6.38 14.67
CA LEU A 190 -30.32 -6.73 15.58
C LEU A 190 -31.58 -6.04 15.04
N PRO B 13 12.44 15.15 -25.65
CA PRO B 13 12.47 15.55 -27.07
C PRO B 13 13.87 15.40 -27.68
N GLY B 14 14.40 14.19 -27.62
CA GLY B 14 15.73 13.93 -28.16
C GLY B 14 16.77 13.63 -27.09
N LEU B 15 16.43 13.95 -25.84
CA LEU B 15 17.32 13.72 -24.72
C LEU B 15 17.55 12.23 -24.50
N LEU B 16 16.56 11.41 -24.87
CA LEU B 16 16.67 9.96 -24.73
C LEU B 16 17.81 9.49 -25.62
N GLU B 17 17.83 10.02 -26.85
CA GLU B 17 18.84 9.67 -27.84
C GLU B 17 20.24 9.77 -27.26
N GLU B 18 20.53 10.90 -26.61
CA GLU B 18 21.84 11.13 -26.02
C GLU B 18 22.21 10.03 -25.03
N ILE B 19 21.24 9.59 -24.22
CA ILE B 19 21.47 8.54 -23.25
C ILE B 19 21.88 7.25 -23.94
N LYS B 20 21.15 6.92 -25.00
CA LYS B 20 21.38 5.72 -25.80
C LYS B 20 22.83 5.47 -26.20
N ALA B 21 23.50 6.52 -26.64
CA ALA B 21 24.90 6.41 -27.07
C ALA B 21 25.85 6.01 -25.96
N LEU B 22 26.25 7.01 -25.17
CA LEU B 22 27.18 6.83 -24.05
C LEU B 22 28.09 5.59 -24.15
N PRO B 23 29.34 5.79 -24.63
CA PRO B 23 30.32 4.70 -24.77
C PRO B 23 30.74 4.28 -23.36
N LEU B 24 29.81 3.60 -22.69
CA LEU B 24 29.99 3.18 -21.31
C LEU B 24 30.94 2.01 -21.09
N ARG B 25 31.70 2.09 -20.01
CA ARG B 25 32.63 1.04 -19.59
C ARG B 25 31.76 -0.03 -18.96
N LEU B 26 31.39 -1.03 -19.76
CA LEU B 26 30.51 -2.09 -19.30
C LEU B 26 31.14 -3.16 -18.40
N ASP B 27 32.13 -2.77 -17.61
CA ASP B 27 32.80 -3.72 -16.72
C ASP B 27 31.78 -4.33 -15.74
N GLU B 28 31.97 -5.61 -15.41
CA GLU B 28 31.10 -6.30 -14.48
C GLU B 28 31.18 -5.69 -13.09
N GLU B 29 32.37 -5.78 -12.49
CA GLU B 29 32.58 -5.25 -11.14
C GLU B 29 32.14 -3.80 -11.02
N ARG B 30 32.36 -3.02 -12.06
CA ARG B 30 31.96 -1.62 -12.04
C ARG B 30 30.44 -1.48 -12.06
N PHE B 31 29.78 -2.48 -12.64
CA PHE B 31 28.32 -2.49 -12.74
C PHE B 31 27.68 -2.99 -11.45
N ARG B 32 28.27 -4.04 -10.88
CA ARG B 32 27.75 -4.60 -9.64
C ARG B 32 27.78 -3.51 -8.56
N PHE B 33 28.78 -2.65 -8.63
CA PHE B 33 28.93 -1.55 -7.68
C PHE B 33 27.88 -0.49 -7.98
N TRP B 34 27.72 -0.19 -9.26
CA TRP B 34 26.76 0.79 -9.74
C TRP B 34 25.34 0.40 -9.34
N LEU B 35 25.11 -0.91 -9.25
CA LEU B 35 23.81 -1.44 -8.88
C LEU B 35 23.63 -1.33 -7.38
N GLN B 36 24.65 -1.71 -6.63
CA GLN B 36 24.60 -1.67 -5.18
C GLN B 36 24.22 -0.33 -4.55
N GLN B 37 24.71 0.75 -5.13
CA GLN B 37 24.39 2.05 -4.57
C GLN B 37 23.17 2.68 -5.24
N ASP B 38 22.16 1.85 -5.47
CA ASP B 38 20.91 2.29 -6.10
C ASP B 38 19.77 2.10 -5.08
N TYR B 39 20.11 1.53 -3.93
CA TYR B 39 19.16 1.28 -2.86
C TYR B 39 18.43 2.55 -2.41
N PRO B 40 19.20 3.62 -2.09
CA PRO B 40 18.57 4.88 -1.66
C PRO B 40 17.51 5.34 -2.66
N PHE B 41 17.86 5.34 -3.94
CA PHE B 41 16.96 5.74 -5.00
C PHE B 41 15.72 4.85 -4.99
N VAL B 42 15.92 3.53 -4.97
CA VAL B 42 14.80 2.60 -4.96
C VAL B 42 13.96 2.79 -3.70
N GLU B 43 14.61 3.14 -2.59
CA GLU B 43 13.90 3.39 -1.34
C GLU B 43 13.08 4.65 -1.52
N ALA B 44 13.60 5.61 -2.28
CA ALA B 44 12.90 6.85 -2.55
C ALA B 44 11.69 6.58 -3.43
N LEU B 45 11.84 5.69 -4.41
CA LEU B 45 10.74 5.32 -5.29
C LEU B 45 9.64 4.64 -4.49
N TYR B 46 10.02 3.98 -3.39
CA TYR B 46 9.08 3.30 -2.53
C TYR B 46 8.18 4.33 -1.85
N ARG B 47 8.80 5.37 -1.27
CA ARG B 47 8.05 6.41 -0.60
C ARG B 47 7.17 7.11 -1.64
N TYR B 48 7.76 7.35 -2.81
CA TYR B 48 7.04 7.99 -3.91
C TYR B 48 5.80 7.19 -4.29
N GLN B 49 5.91 5.87 -4.21
CA GLN B 49 4.80 4.98 -4.55
C GLN B 49 3.74 4.92 -3.47
N VAL B 50 4.15 5.02 -2.21
CA VAL B 50 3.19 5.02 -1.12
C VAL B 50 2.39 6.33 -1.22
N GLY B 51 3.04 7.40 -1.68
CA GLY B 51 2.35 8.67 -1.83
C GLY B 51 1.32 8.62 -2.96
N LEU B 52 1.49 7.72 -3.89
CA LEU B 52 0.54 7.59 -4.98
C LEU B 52 -0.72 6.90 -4.45
N LEU B 53 -0.52 5.88 -3.62
CA LEU B 53 -1.61 5.11 -3.05
C LEU B 53 -2.43 5.92 -2.08
N LEU B 54 -1.83 6.97 -1.53
CA LEU B 54 -2.51 7.81 -0.57
C LEU B 54 -3.47 8.77 -1.23
N GLU B 55 -3.45 8.84 -2.57
CA GLU B 55 -4.36 9.72 -3.29
C GLU B 55 -5.08 9.02 -4.45
N ALA B 56 -4.53 7.89 -4.89
CA ALA B 56 -5.07 7.08 -5.99
C ALA B 56 -6.50 6.59 -5.77
N PRO B 57 -7.37 6.79 -6.78
CA PRO B 57 -8.77 6.38 -6.75
C PRO B 57 -8.82 4.86 -6.76
N GLN B 58 -9.88 4.28 -6.19
CA GLN B 58 -10.02 2.83 -6.14
C GLN B 58 -9.76 2.16 -7.49
N ALA B 59 -10.05 2.86 -8.58
CA ALA B 59 -9.83 2.25 -9.90
C ALA B 59 -8.38 2.15 -10.34
N HIS B 60 -7.46 2.89 -9.71
CA HIS B 60 -6.04 2.85 -10.08
C HIS B 60 -5.19 2.03 -9.12
N ARG B 61 -5.73 1.73 -7.95
CA ARG B 61 -5.02 0.98 -6.92
C ARG B 61 -4.40 -0.37 -7.27
N ALA B 62 -5.19 -1.28 -7.82
CA ALA B 62 -4.67 -2.60 -8.16
C ALA B 62 -3.29 -2.62 -8.84
N PRO B 63 -3.12 -1.85 -9.92
CA PRO B 63 -1.83 -1.81 -10.63
C PRO B 63 -0.74 -1.12 -9.81
N LEU B 64 -1.14 -0.20 -8.93
CA LEU B 64 -0.18 0.54 -8.11
C LEU B 64 0.39 -0.33 -7.01
N VAL B 65 -0.49 -1.06 -6.31
CA VAL B 65 -0.06 -1.92 -5.21
C VAL B 65 0.79 -3.05 -5.76
N GLN B 66 0.59 -3.36 -7.03
CA GLN B 66 1.35 -4.42 -7.70
C GLN B 66 2.78 -3.94 -7.94
N ALA B 67 2.92 -2.67 -8.31
CA ALA B 67 4.23 -2.09 -8.57
C ALA B 67 4.96 -1.91 -7.27
N LEU B 68 4.25 -1.46 -6.25
CA LEU B 68 4.84 -1.26 -4.93
C LEU B 68 5.50 -2.56 -4.49
N MSE B 69 4.75 -3.65 -4.65
CA MSE B 69 5.22 -4.97 -4.28
C MSE B 69 6.50 -5.31 -5.00
O MSE B 69 7.42 -5.88 -4.41
CB MSE B 69 4.16 -5.98 -4.67
CG MSE B 69 4.03 -7.14 -3.74
SE MSE B 69 2.71 -8.41 -4.35
CE MSE B 69 1.06 -7.52 -3.70
N ALA B 70 6.57 -4.96 -6.27
CA ALA B 70 7.77 -5.20 -7.07
C ALA B 70 8.95 -4.45 -6.46
N THR B 71 8.74 -3.19 -6.09
CA THR B 71 9.79 -2.37 -5.53
C THR B 71 10.32 -2.98 -4.23
N VAL B 72 9.41 -3.39 -3.36
CA VAL B 72 9.79 -4.02 -2.09
C VAL B 72 10.73 -5.18 -2.39
N GLU B 73 10.26 -6.07 -3.26
CA GLU B 73 11.06 -7.22 -3.66
C GLU B 73 12.39 -6.76 -4.25
N GLU B 74 12.37 -5.70 -5.04
CA GLU B 74 13.60 -5.22 -5.65
C GLU B 74 14.58 -4.80 -4.56
N LEU B 75 14.05 -4.22 -3.48
CA LEU B 75 14.90 -3.77 -2.38
C LEU B 75 15.57 -4.95 -1.67
N ASP B 76 14.79 -5.99 -1.37
CA ASP B 76 15.32 -7.17 -0.72
C ASP B 76 16.40 -7.78 -1.59
N TRP B 77 16.20 -7.69 -2.90
CA TRP B 77 17.17 -8.21 -3.86
C TRP B 77 18.45 -7.39 -3.77
N LEU B 78 18.34 -6.06 -3.87
CA LEU B 78 19.53 -5.22 -3.78
C LEU B 78 20.27 -5.53 -2.49
N LEU B 79 19.53 -5.86 -1.44
CA LEU B 79 20.14 -6.20 -0.16
C LEU B 79 20.99 -7.46 -0.29
N LEU B 80 20.55 -8.40 -1.13
CA LEU B 80 21.29 -9.64 -1.33
C LEU B 80 22.70 -9.37 -1.82
N GLN B 81 22.83 -8.87 -3.04
CA GLN B 81 24.15 -8.59 -3.58
C GLN B 81 24.72 -7.27 -3.08
N GLY B 82 24.93 -7.18 -1.77
CA GLY B 82 25.49 -5.97 -1.20
C GLY B 82 24.48 -4.87 -0.99
N ALA B 83 24.85 -3.64 -1.36
CA ALA B 83 23.99 -2.47 -1.21
C ALA B 83 23.78 -2.15 0.26
N SER B 84 24.17 -0.94 0.65
CA SER B 84 24.06 -0.51 2.03
C SER B 84 22.91 0.46 2.23
N PRO B 85 21.85 0.05 2.96
CA PRO B 85 20.70 0.95 3.18
C PRO B 85 21.23 2.24 3.79
N SER B 86 22.12 2.08 4.76
CA SER B 86 22.77 3.19 5.45
C SER B 86 24.11 3.43 4.77
N ALA B 87 24.18 4.38 3.85
CA ALA B 87 25.42 4.66 3.15
C ALA B 87 25.35 5.99 2.42
N PRO B 88 26.47 6.74 2.41
CA PRO B 88 26.49 8.04 1.73
C PRO B 88 26.02 7.89 0.29
N VAL B 89 25.10 8.74 -0.10
CA VAL B 89 24.54 8.72 -1.45
C VAL B 89 25.34 9.54 -2.45
N HIS B 90 25.62 8.96 -3.60
CA HIS B 90 26.35 9.69 -4.63
C HIS B 90 25.53 10.94 -4.99
N PRO B 91 26.16 12.12 -5.00
CA PRO B 91 25.45 13.36 -5.34
C PRO B 91 24.48 13.30 -6.52
N VAL B 92 24.84 12.59 -7.57
CA VAL B 92 23.97 12.48 -8.74
C VAL B 92 22.68 11.76 -8.35
N ARG B 93 22.82 10.65 -7.63
CA ARG B 93 21.65 9.89 -7.18
C ARG B 93 20.87 10.76 -6.19
N ALA B 94 21.60 11.43 -5.30
CA ALA B 94 21.02 12.33 -4.29
C ALA B 94 20.18 13.36 -4.97
N GLY B 95 20.69 13.85 -6.10
CA GLY B 95 19.98 14.86 -6.88
C GLY B 95 18.74 14.28 -7.52
N TYR B 96 18.82 13.01 -7.90
CA TYR B 96 17.70 12.32 -8.52
C TYR B 96 16.65 12.05 -7.46
N ILE B 97 17.09 11.61 -6.28
CA ILE B 97 16.16 11.36 -5.19
C ILE B 97 15.43 12.68 -4.83
N ALA B 98 16.11 13.78 -5.10
CA ALA B 98 15.59 15.11 -4.83
C ALA B 98 14.52 15.45 -5.85
N LEU B 99 14.69 14.92 -7.07
CA LEU B 99 13.75 15.15 -8.16
C LEU B 99 12.45 14.48 -7.78
N LEU B 100 12.54 13.18 -7.45
CA LEU B 100 11.37 12.39 -7.04
C LEU B 100 10.61 13.10 -5.92
N GLU B 101 11.35 13.49 -4.89
CA GLU B 101 10.74 14.15 -3.75
C GLU B 101 10.00 15.40 -4.18
N GLU B 102 10.53 16.09 -5.19
CA GLU B 102 9.90 17.30 -5.69
C GLU B 102 8.65 16.90 -6.47
N MSE B 103 8.80 15.94 -7.37
CA MSE B 103 7.67 15.48 -8.13
C MSE B 103 6.61 14.92 -7.21
O MSE B 103 5.43 14.87 -7.58
CB MSE B 103 8.09 14.41 -9.09
CG MSE B 103 9.21 14.87 -9.98
SE MSE B 103 9.54 13.61 -11.38
CE MSE B 103 9.27 14.60 -12.97
N GLY B 104 7.02 14.52 -6.01
CA GLY B 104 6.05 14.01 -5.07
C GLY B 104 5.13 15.11 -4.58
N ARG B 105 5.56 16.36 -4.75
CA ARG B 105 4.80 17.51 -4.32
C ARG B 105 3.87 18.01 -5.42
N LEU B 106 3.70 17.20 -6.47
CA LEU B 106 2.85 17.57 -7.59
C LEU B 106 1.50 16.85 -7.50
N PRO B 107 0.51 17.29 -8.28
CA PRO B 107 -0.80 16.66 -8.24
C PRO B 107 -0.71 15.19 -8.68
N TYR B 108 -1.60 14.37 -8.15
CA TYR B 108 -1.65 12.94 -8.42
C TYR B 108 -1.53 12.55 -9.90
N ALA B 109 -2.30 13.22 -10.74
CA ALA B 109 -2.29 12.93 -12.17
C ALA B 109 -0.90 12.98 -12.77
N TYR B 110 -0.15 14.04 -12.44
CA TYR B 110 1.22 14.22 -12.94
C TYR B 110 2.15 13.14 -12.37
N ARG B 111 1.93 12.77 -11.12
CA ARG B 111 2.75 11.76 -10.46
C ARG B 111 2.63 10.36 -11.04
N VAL B 112 1.42 9.94 -11.41
CA VAL B 112 1.27 8.60 -11.99
C VAL B 112 1.90 8.59 -13.38
N VAL B 113 1.66 9.64 -14.16
CA VAL B 113 2.23 9.75 -15.49
C VAL B 113 3.76 9.70 -15.39
N PHE B 114 4.31 10.51 -14.49
CA PHE B 114 5.75 10.56 -14.28
C PHE B 114 6.29 9.21 -13.79
N PHE B 115 5.50 8.51 -12.98
CA PHE B 115 5.92 7.22 -12.48
C PHE B 115 5.98 6.24 -13.63
N TYR B 116 4.98 6.29 -14.50
CA TYR B 116 4.94 5.41 -15.67
C TYR B 116 6.16 5.70 -16.54
N PHE B 117 6.38 6.97 -16.83
CA PHE B 117 7.49 7.40 -17.66
C PHE B 117 8.80 6.87 -17.11
N LEU B 118 8.98 6.98 -15.80
CA LEU B 118 10.19 6.53 -15.12
C LEU B 118 10.50 5.07 -15.40
N ASN B 119 9.53 4.18 -15.15
CA ASN B 119 9.76 2.76 -15.38
C ASN B 119 10.05 2.45 -16.86
N GLY B 120 9.22 2.97 -17.75
CA GLY B 120 9.44 2.73 -19.16
C GLY B 120 10.82 3.20 -19.54
N LEU B 121 11.27 4.26 -18.87
CA LEU B 121 12.59 4.82 -19.14
C LEU B 121 13.68 3.89 -18.60
N PHE B 122 13.55 3.46 -17.35
CA PHE B 122 14.55 2.57 -16.76
C PHE B 122 14.72 1.36 -17.65
N LEU B 123 13.58 0.75 -18.01
CA LEU B 123 13.58 -0.44 -18.86
C LEU B 123 14.25 -0.13 -20.19
N GLU B 124 13.93 1.04 -20.73
CA GLU B 124 14.48 1.51 -22.01
C GLU B 124 16.01 1.41 -22.00
N ALA B 125 16.64 2.30 -21.23
CA ALA B 125 18.09 2.36 -21.10
C ALA B 125 18.72 1.05 -20.63
N TRP B 126 18.03 0.30 -19.79
CA TRP B 126 18.55 -0.96 -19.30
C TRP B 126 18.66 -2.01 -20.41
N ALA B 127 17.72 -1.96 -21.36
CA ALA B 127 17.69 -2.90 -22.49
C ALA B 127 18.77 -2.60 -23.50
N HIS B 128 19.11 -1.32 -23.60
CA HIS B 128 20.12 -0.88 -24.54
C HIS B 128 21.53 -1.18 -24.05
N HIS B 129 21.92 -0.54 -22.94
CA HIS B 129 23.26 -0.68 -22.37
C HIS B 129 23.60 -2.01 -21.71
N VAL B 130 22.65 -2.62 -21.03
CA VAL B 130 22.94 -3.90 -20.34
C VAL B 130 22.86 -5.06 -21.33
N PHE B 148 5.87 -8.80 -14.20
CA PHE B 148 6.22 -7.34 -14.15
C PHE B 148 5.68 -6.59 -15.35
N GLN B 149 6.03 -6.99 -16.57
CA GLN B 149 5.54 -6.32 -17.79
C GLN B 149 4.02 -6.09 -17.95
N ALA B 150 3.21 -6.78 -17.16
CA ALA B 150 1.76 -6.60 -17.23
C ALA B 150 1.42 -5.38 -16.39
N VAL B 151 2.18 -5.19 -15.32
CA VAL B 151 2.01 -4.06 -14.40
C VAL B 151 2.33 -2.80 -15.19
N LEU B 152 3.36 -2.90 -16.03
CA LEU B 152 3.78 -1.79 -16.86
C LEU B 152 2.66 -1.50 -17.85
N TYR B 153 1.92 -2.55 -18.21
CA TYR B 153 0.81 -2.40 -19.14
C TYR B 153 -0.30 -1.59 -18.46
N ASP B 154 -0.64 -1.98 -17.24
CA ASP B 154 -1.68 -1.28 -16.48
C ASP B 154 -1.29 0.18 -16.24
N LEU B 155 -0.01 0.42 -15.94
CA LEU B 155 0.48 1.78 -15.72
C LEU B 155 0.34 2.57 -17.02
N GLU B 156 0.59 1.88 -18.14
CA GLU B 156 0.44 2.47 -19.47
C GLU B 156 -0.97 3.04 -19.60
N VAL B 157 -1.97 2.17 -19.47
CA VAL B 157 -3.37 2.58 -19.58
C VAL B 157 -3.69 3.77 -18.70
N LEU B 158 -3.41 3.64 -17.40
CA LEU B 158 -3.67 4.69 -16.42
C LEU B 158 -3.01 6.00 -16.85
N ALA B 159 -1.67 5.98 -16.95
CA ALA B 159 -0.92 7.17 -17.32
C ALA B 159 -1.43 7.80 -18.62
N ARG B 160 -1.60 6.98 -19.64
CA ARG B 160 -2.06 7.45 -20.96
C ARG B 160 -3.41 8.16 -20.84
N GLY B 161 -4.29 7.64 -20.01
CA GLY B 161 -5.59 8.26 -19.85
C GLY B 161 -5.52 9.59 -19.14
N LEU B 162 -4.54 9.77 -18.27
CA LEU B 162 -4.37 11.01 -17.52
C LEU B 162 -3.47 12.00 -18.24
N TRP B 163 -2.73 11.53 -19.24
CA TRP B 163 -1.83 12.37 -20.03
C TRP B 163 -2.62 13.46 -20.75
N GLU B 164 -3.89 13.17 -21.00
CA GLU B 164 -4.79 14.08 -21.70
C GLU B 164 -4.81 15.53 -21.21
N ASP B 165 -5.27 15.72 -19.98
CA ASP B 165 -5.44 17.05 -19.40
C ASP B 165 -4.25 17.79 -18.80
N LEU B 166 -3.21 17.08 -18.38
CA LEU B 166 -2.08 17.77 -17.78
C LEU B 166 -1.36 18.78 -18.68
N ASP B 167 -0.95 19.91 -18.08
CA ASP B 167 -0.26 20.98 -18.78
C ASP B 167 1.02 20.46 -19.40
N PRO B 168 1.14 20.58 -20.74
CA PRO B 168 2.32 20.13 -21.46
C PRO B 168 3.59 20.84 -21.04
N GLU B 169 3.45 22.02 -20.45
CA GLU B 169 4.62 22.77 -20.02
C GLU B 169 5.23 22.17 -18.76
N VAL B 170 4.39 21.86 -17.78
CA VAL B 170 4.87 21.27 -16.54
C VAL B 170 5.47 19.89 -16.81
N VAL B 171 4.86 19.12 -17.72
CA VAL B 171 5.36 17.80 -18.04
C VAL B 171 6.62 17.91 -18.89
N ARG B 172 6.78 19.05 -19.54
CA ARG B 172 7.94 19.29 -20.37
C ARG B 172 9.17 19.44 -19.51
N THR B 173 9.10 20.34 -18.52
CA THR B 173 10.25 20.59 -17.66
C THR B 173 10.66 19.38 -16.86
N TYR B 174 9.68 18.71 -16.26
CA TYR B 174 9.97 17.54 -15.45
C TYR B 174 10.46 16.35 -16.24
N LEU B 175 9.86 16.12 -17.39
CA LEU B 175 10.29 14.99 -18.22
C LEU B 175 11.77 15.18 -18.56
N ARG B 176 12.13 16.43 -18.87
CA ARG B 176 13.48 16.79 -19.21
C ARG B 176 14.38 16.55 -18.00
N ARG B 177 13.95 17.01 -16.84
CA ARG B 177 14.72 16.79 -15.63
C ARG B 177 14.99 15.31 -15.48
N ILE B 178 13.96 14.50 -15.61
CA ILE B 178 14.10 13.06 -15.48
C ILE B 178 15.14 12.51 -16.43
N LEU B 179 15.05 12.86 -17.72
CA LEU B 179 16.02 12.37 -18.69
C LEU B 179 17.43 12.77 -18.27
N GLU B 180 17.61 14.03 -17.90
CA GLU B 180 18.91 14.50 -17.46
C GLU B 180 19.40 13.67 -16.29
N ALA B 181 18.52 13.41 -15.33
CA ALA B 181 18.87 12.60 -14.17
C ALA B 181 19.31 11.18 -14.59
N GLU B 182 18.55 10.55 -15.48
CA GLU B 182 18.89 9.21 -15.94
C GLU B 182 20.18 9.23 -16.75
N LYS B 183 20.44 10.33 -17.44
CA LYS B 183 21.64 10.43 -18.25
C LYS B 183 22.84 10.51 -17.33
N ALA B 184 22.73 11.36 -16.32
CA ALA B 184 23.79 11.56 -15.34
C ALA B 184 24.18 10.29 -14.60
N THR B 185 23.17 9.48 -14.24
CA THR B 185 23.39 8.22 -13.51
C THR B 185 24.08 7.14 -14.33
N TRP B 186 23.66 6.96 -15.58
CA TRP B 186 24.29 5.96 -16.43
C TRP B 186 25.66 6.45 -16.86
N SER B 187 25.83 7.76 -16.96
CA SER B 187 27.11 8.34 -17.35
C SER B 187 28.18 8.01 -16.29
N LEU B 188 27.75 7.59 -15.11
CA LEU B 188 28.69 7.24 -14.06
C LEU B 188 29.45 5.99 -14.51
N LEU B 189 28.93 5.36 -15.56
CA LEU B 189 29.54 4.16 -16.10
C LEU B 189 30.47 4.50 -17.24
N LEU B 190 30.68 5.80 -17.48
CA LEU B 190 31.56 6.25 -18.53
C LEU B 190 33.02 6.01 -18.12
#